data_4ZKD
#
_entry.id   4ZKD
#
_cell.length_a   93.136
_cell.length_b   120.617
_cell.length_c   105.269
_cell.angle_alpha   90.00
_cell.angle_beta   90.00
_cell.angle_gamma   90.00
#
_symmetry.space_group_name_H-M   'C 2 2 21'
#
loop_
_entity.id
_entity.type
_entity.pdbx_description
1 polymer 'Superkiller protein 7'
2 non-polymer 'PHOSPHATE ION'
3 non-polymer "GUANOSINE-5'-DIPHOSPHATE"
4 non-polymer 'MAGNESIUM ION'
5 water water
#
_entity_poly.entity_id   1
_entity_poly.type   'polypeptide(L)'
_entity_poly.pdbx_seq_one_letter_code
;GPDSMSIDIHSFIATHPLNLTCLFLGDTNAGKSTLLGHLLYDLNEISMSSMRELQKKSSNLDPSSSNSFKVILDNTKTER
ENGFSMFKKVIQVENDLLPPSSTLTLIDTPGSIKYFNKETLNSILTFDPEVYVLVIDCNYDSWEKSLDGPNNQIYEILKV
ISYLNKNSACKKHLIILLNKADLISWDKHRLEMIQSELNYVLKENFQWTDAEFQFIPCSGLLGSNLNKTENITKSKYKSE
FDSINYVPEWYEGPTFFSQLYLLVEHNMNKIETTLEEPFVGTILQSSVLQPIAEINYVSLKVLINSGYIQSGQTIEIHTQ
YEDFHYYGIVSRMKNSKQILETNTKNNISVGLNPDILEVLVKIHNTEDFTKKQFHIRKGDIIIHSRKTNTLSPNLPNTLK
LLALRLIKLSIQTHALSDPVDLGSELLLYHNLTHNAVKLVKILGTNDISINPNQSLIVEVEIIEPDFALNVIDSKYITNN
IVLTSIDHKVIAVGRIACQ
;
_entity_poly.pdbx_strand_id   A
#
loop_
_chem_comp.id
_chem_comp.type
_chem_comp.name
_chem_comp.formula
GDP RNA linking GUANOSINE-5'-DIPHOSPHATE 'C10 H15 N5 O11 P2'
MG non-polymer 'MAGNESIUM ION' 'Mg 2'
PO4 non-polymer 'PHOSPHATE ION' 'O4 P -3'
#
# COMPACT_ATOMS: atom_id res chain seq x y z
N ILE A 7 -14.99 29.31 -6.62
CA ILE A 7 -13.86 28.81 -5.86
C ILE A 7 -12.57 28.99 -6.65
N ASP A 8 -11.50 29.33 -5.94
CA ASP A 8 -10.20 29.59 -6.56
C ASP A 8 -9.63 28.31 -7.20
N ILE A 9 -9.77 27.19 -6.50
CA ILE A 9 -9.27 25.89 -6.93
C ILE A 9 -7.76 25.83 -6.77
N HIS A 10 -7.06 26.79 -7.38
CA HIS A 10 -5.62 26.92 -7.23
C HIS A 10 -5.25 27.12 -5.76
N SER A 11 -6.13 27.78 -5.01
CA SER A 11 -5.87 28.08 -3.60
C SER A 11 -6.15 26.87 -2.71
N PHE A 12 -7.05 25.99 -3.15
CA PHE A 12 -7.39 24.80 -2.39
C PHE A 12 -6.18 23.87 -2.31
N ILE A 13 -5.43 23.80 -3.40
CA ILE A 13 -4.24 22.96 -3.46
C ILE A 13 -3.19 23.49 -2.48
N ALA A 14 -3.20 24.80 -2.24
CA ALA A 14 -2.23 25.41 -1.34
C ALA A 14 -2.54 25.09 0.12
N THR A 15 -3.82 25.17 0.50
CA THR A 15 -4.21 24.92 1.87
C THR A 15 -4.24 23.43 2.21
N HIS A 16 -3.92 22.59 1.22
CA HIS A 16 -3.89 21.15 1.42
C HIS A 16 -2.61 20.75 2.16
N PRO A 17 -2.74 20.06 3.30
CA PRO A 17 -1.52 19.65 4.02
C PRO A 17 -0.75 18.56 3.28
N LEU A 18 0.58 18.59 3.39
CA LEU A 18 1.44 17.63 2.71
C LEU A 18 1.48 16.30 3.45
N ASN A 19 1.24 15.22 2.72
CA ASN A 19 1.08 13.90 3.32
C ASN A 19 2.32 13.02 3.23
N LEU A 20 2.55 12.24 4.28
CA LEU A 20 3.55 11.18 4.27
C LEU A 20 2.86 9.85 4.55
N THR A 21 3.12 8.86 3.70
CA THR A 21 2.54 7.53 3.84
C THR A 21 3.56 6.54 4.39
N CYS A 22 3.20 5.88 5.49
N CYS A 22 3.14 5.80 5.41
CA CYS A 22 4.04 4.84 6.07
CA CYS A 22 4.00 4.86 6.10
C CYS A 22 3.33 3.50 5.94
C CYS A 22 3.41 3.45 6.08
N LEU A 23 4.01 2.56 5.29
CA LEU A 23 3.48 1.22 5.07
C LEU A 23 4.16 0.19 5.98
N PHE A 24 3.38 -0.45 6.83
CA PHE A 24 3.88 -1.47 7.75
C PHE A 24 3.87 -2.86 7.11
N LEU A 25 4.99 -3.55 7.20
CA LEU A 25 5.17 -4.86 6.58
C LEU A 25 5.81 -5.83 7.57
N GLY A 26 5.60 -7.12 7.36
CA GLY A 26 6.20 -8.14 8.19
C GLY A 26 5.38 -9.42 8.28
N ASP A 27 6.02 -10.47 8.80
CA ASP A 27 5.36 -11.74 8.99
C ASP A 27 4.17 -11.63 9.95
N THR A 28 3.31 -12.65 9.95
CA THR A 28 2.25 -12.74 10.93
C THR A 28 2.86 -12.90 12.32
N ASN A 29 2.18 -12.37 13.33
CA ASN A 29 2.66 -12.41 14.72
C ASN A 29 3.92 -11.57 14.93
N ALA A 30 4.21 -10.68 13.98
CA ALA A 30 5.33 -9.75 14.14
C ALA A 30 4.99 -8.63 15.13
N GLY A 31 3.69 -8.38 15.29
CA GLY A 31 3.21 -7.38 16.24
C GLY A 31 2.79 -6.07 15.58
N LYS A 32 2.46 -6.15 14.30
CA LYS A 32 2.16 -4.97 13.49
C LYS A 32 0.88 -4.25 13.94
N SER A 33 -0.21 -5.00 14.07
CA SER A 33 -1.50 -4.43 14.44
C SER A 33 -1.45 -3.86 15.86
N THR A 34 -0.83 -4.60 16.78
CA THR A 34 -0.69 -4.14 18.15
C THR A 34 0.10 -2.83 18.22
N LEU A 35 1.22 -2.78 17.52
CA LEU A 35 2.09 -1.62 17.57
C LEU A 35 1.42 -0.39 16.99
N LEU A 36 0.69 -0.58 15.90
CA LEU A 36 0.10 0.53 15.18
C LEU A 36 -1.09 1.11 15.95
N GLY A 37 -1.85 0.24 16.62
CA GLY A 37 -2.95 0.68 17.46
C GLY A 37 -2.42 1.40 18.69
N HIS A 38 -1.31 0.93 19.21
CA HIS A 38 -0.68 1.54 20.38
C HIS A 38 -0.16 2.92 20.04
N LEU A 39 0.41 3.07 18.85
CA LEU A 39 0.88 4.35 18.38
C LEU A 39 -0.27 5.35 18.29
N LEU A 40 -1.41 4.87 17.82
CA LEU A 40 -2.60 5.72 17.67
C LEU A 40 -3.11 6.21 19.02
N TYR A 41 -3.04 5.34 20.03
CA TYR A 41 -3.42 5.70 21.38
C TYR A 41 -2.48 6.75 21.95
N ASP A 42 -1.19 6.55 21.74
CA ASP A 42 -0.17 7.47 22.22
C ASP A 42 -0.25 8.82 21.52
N LEU A 43 -0.79 8.80 20.30
CA LEU A 43 -1.00 10.04 19.55
C LEU A 43 -2.39 10.63 19.82
N ASN A 44 -3.06 10.12 20.86
CA ASN A 44 -4.34 10.66 21.30
C ASN A 44 -5.42 10.63 20.21
N GLU A 45 -5.37 9.61 19.36
CA GLU A 45 -6.37 9.42 18.32
C GLU A 45 -7.50 8.50 18.78
N ILE A 46 -7.38 8.01 20.02
CA ILE A 46 -8.40 7.16 20.63
C ILE A 46 -8.79 7.71 22.00
N SER A 47 -10.07 8.03 22.17
CA SER A 47 -10.55 8.54 23.45
C SER A 47 -10.63 7.40 24.47
N MET A 48 -10.44 7.74 25.74
CA MET A 48 -10.53 6.77 26.83
C MET A 48 -11.89 6.06 26.80
N SER A 49 -12.92 6.83 26.46
CA SER A 49 -14.26 6.28 26.32
C SER A 49 -14.31 5.27 25.18
N SER A 50 -13.74 5.65 24.04
CA SER A 50 -13.68 4.78 22.88
C SER A 50 -12.93 3.49 23.20
N MET A 51 -11.87 3.61 23.97
CA MET A 51 -11.08 2.46 24.36
C MET A 51 -11.93 1.53 25.22
N ARG A 52 -12.42 2.04 26.34
CA ARG A 52 -13.21 1.24 27.28
C ARG A 52 -14.38 0.54 26.62
N GLU A 53 -15.03 1.22 25.67
CA GLU A 53 -16.10 0.62 24.89
C GLU A 53 -15.55 -0.55 24.09
N LEU A 54 -14.32 -0.39 23.60
CA LEU A 54 -13.61 -1.47 22.92
C LEU A 54 -13.20 -2.52 23.94
N GLN A 55 -12.89 -2.08 25.15
CA GLN A 55 -12.46 -2.99 26.21
C GLN A 55 -13.67 -3.71 26.81
N LYS A 56 -14.82 -3.05 26.79
CA LYS A 56 -16.04 -3.65 27.33
C LYS A 56 -16.47 -4.78 26.41
N LYS A 57 -16.15 -4.64 25.12
CA LYS A 57 -16.36 -5.72 24.16
C LYS A 57 -15.30 -6.81 24.34
N SER A 58 -14.11 -6.41 24.80
CA SER A 58 -12.98 -7.30 24.91
C SER A 58 -13.03 -8.17 26.17
N SER A 59 -14.04 -7.94 27.01
CA SER A 59 -14.20 -8.72 28.24
C SER A 59 -14.30 -10.21 27.90
N ASN A 60 -14.75 -10.48 26.68
CA ASN A 60 -14.78 -11.84 26.13
C ASN A 60 -13.41 -12.49 26.18
N LEU A 61 -12.36 -11.67 26.15
CA LEU A 61 -10.99 -12.14 26.00
C LEU A 61 -10.18 -12.04 27.30
N ASP A 62 -10.76 -12.51 28.41
CA ASP A 62 -10.09 -12.45 29.71
C ASP A 62 -10.10 -13.80 30.43
N PRO A 63 -8.96 -14.52 30.45
CA PRO A 63 -7.69 -14.22 29.79
C PRO A 63 -7.66 -14.67 28.34
N SER A 64 -6.77 -14.09 27.55
CA SER A 64 -6.62 -14.46 26.15
C SER A 64 -5.27 -14.00 25.62
N SER A 65 -4.98 -14.34 24.36
CA SER A 65 -3.71 -13.96 23.75
C SER A 65 -3.76 -12.51 23.27
N SER A 66 -4.92 -12.11 22.75
N SER A 66 -4.92 -12.11 22.75
CA SER A 66 -5.09 -10.79 22.16
CA SER A 66 -5.08 -10.78 22.15
C SER A 66 -4.88 -9.66 23.17
C SER A 66 -4.89 -9.65 23.17
N ASN A 67 -4.91 -8.42 22.67
CA ASN A 67 -4.76 -7.24 23.52
C ASN A 67 -5.68 -6.10 23.07
N SER A 68 -5.65 -5.00 23.81
CA SER A 68 -6.59 -3.89 23.59
C SER A 68 -6.24 -3.03 22.38
N PHE A 69 -4.98 -3.08 21.95
CA PHE A 69 -4.51 -2.19 20.87
C PHE A 69 -4.75 -2.77 19.47
N LYS A 70 -4.57 -4.07 19.30
CA LYS A 70 -4.71 -4.68 17.98
C LYS A 70 -6.16 -4.71 17.54
N VAL A 71 -7.08 -4.84 18.48
CA VAL A 71 -8.50 -4.89 18.15
C VAL A 71 -8.97 -3.58 17.53
N ILE A 72 -8.21 -2.51 17.73
CA ILE A 72 -8.48 -1.24 17.06
C ILE A 72 -8.40 -1.42 15.54
N LEU A 73 -7.34 -2.08 15.08
CA LEU A 73 -7.12 -2.26 13.64
C LEU A 73 -7.83 -3.50 13.11
N ASP A 74 -7.82 -4.57 13.88
CA ASP A 74 -8.57 -5.77 13.52
C ASP A 74 -10.03 -5.56 13.91
N ASN A 75 -10.74 -4.75 13.14
CA ASN A 75 -12.08 -4.29 13.51
C ASN A 75 -13.22 -5.03 12.80
N THR A 76 -12.86 -5.94 11.88
CA THR A 76 -13.86 -6.79 11.23
C THR A 76 -14.06 -8.06 12.02
N LYS A 77 -15.32 -8.49 12.13
CA LYS A 77 -15.67 -9.63 12.96
C LYS A 77 -14.86 -10.88 12.65
N THR A 78 -14.60 -11.11 11.36
CA THR A 78 -13.86 -12.30 10.94
C THR A 78 -12.41 -12.24 11.41
N GLU A 79 -11.86 -11.04 11.52
CA GLU A 79 -10.48 -10.86 11.96
C GLU A 79 -10.34 -11.04 13.47
N ARG A 80 -11.40 -10.70 14.22
CA ARG A 80 -11.39 -10.87 15.67
C ARG A 80 -11.50 -12.33 16.03
N GLU A 81 -12.29 -13.07 15.26
CA GLU A 81 -12.51 -14.49 15.50
C GLU A 81 -11.26 -15.29 15.12
N ASN A 82 -10.64 -14.93 14.01
CA ASN A 82 -9.44 -15.63 13.54
C ASN A 82 -8.20 -15.21 14.32
N GLY A 83 -8.18 -13.97 14.80
CA GLY A 83 -7.10 -13.50 15.65
C GLY A 83 -5.92 -12.90 14.91
N PHE A 84 -6.10 -12.59 13.63
CA PHE A 84 -5.05 -11.96 12.83
C PHE A 84 -5.64 -11.12 11.70
N SER A 85 -4.86 -10.15 11.23
CA SER A 85 -5.34 -9.24 10.19
C SER A 85 -5.48 -9.97 8.87
N MET A 86 -6.49 -9.57 8.09
CA MET A 86 -6.77 -10.19 6.81
C MET A 86 -6.86 -9.14 5.70
N PHE A 87 -7.11 -7.89 6.09
CA PHE A 87 -7.31 -6.80 5.14
C PHE A 87 -6.43 -5.61 5.51
N LYS A 88 -6.00 -4.85 4.51
CA LYS A 88 -5.20 -3.68 4.75
C LYS A 88 -6.04 -2.58 5.38
N LYS A 89 -5.48 -1.88 6.37
CA LYS A 89 -6.16 -0.76 7.02
C LYS A 89 -5.41 0.54 6.74
N VAL A 90 -6.13 1.53 6.22
CA VAL A 90 -5.54 2.83 5.92
C VAL A 90 -6.06 3.89 6.90
N ILE A 91 -5.14 4.51 7.63
CA ILE A 91 -5.48 5.50 8.65
C ILE A 91 -4.73 6.80 8.41
N GLN A 92 -5.48 7.88 8.20
CA GLN A 92 -4.89 9.20 7.99
C GLN A 92 -5.00 10.03 9.26
N VAL A 93 -3.85 10.46 9.78
CA VAL A 93 -3.78 11.20 11.03
C VAL A 93 -3.40 12.66 10.78
N GLU A 94 -4.12 13.56 11.44
CA GLU A 94 -3.83 15.00 11.35
C GLU A 94 -4.14 15.66 12.69
N ASN A 95 -3.09 16.04 13.42
CA ASN A 95 -3.27 16.65 14.73
C ASN A 95 -2.10 17.54 15.14
N ASP A 96 -2.13 17.99 16.39
CA ASP A 96 -1.15 18.94 16.90
C ASP A 96 0.21 18.30 17.18
N LEU A 97 0.26 16.98 17.26
CA LEU A 97 1.51 16.27 17.54
C LEU A 97 2.40 16.14 16.30
N LEU A 98 1.82 16.35 15.13
CA LEU A 98 2.57 16.30 13.88
C LEU A 98 3.02 17.70 13.47
N PRO A 99 3.95 17.78 12.51
CA PRO A 99 4.34 19.10 11.99
C PRO A 99 3.13 19.85 11.42
N PRO A 100 3.05 21.18 11.60
CA PRO A 100 1.91 21.93 11.05
C PRO A 100 1.77 21.76 9.54
N SER A 101 0.53 21.73 9.06
CA SER A 101 0.24 21.58 7.63
C SER A 101 0.77 20.27 7.07
N SER A 102 0.55 19.18 7.81
CA SER A 102 0.97 17.86 7.35
C SER A 102 0.00 16.78 7.83
N THR A 103 0.01 15.65 7.13
CA THR A 103 -0.78 14.49 7.51
C THR A 103 0.10 13.23 7.47
N LEU A 104 -0.12 12.35 8.44
CA LEU A 104 0.60 11.08 8.51
C LEU A 104 -0.34 9.92 8.23
N THR A 105 -0.18 9.31 7.06
CA THR A 105 -0.96 8.13 6.70
C THR A 105 -0.23 6.86 7.10
N LEU A 106 -0.86 6.08 7.97
CA LEU A 106 -0.32 4.80 8.42
C LEU A 106 -1.13 3.67 7.80
N ILE A 107 -0.44 2.63 7.33
CA ILE A 107 -1.12 1.51 6.67
C ILE A 107 -0.69 0.17 7.26
N ASP A 108 -1.67 -0.56 7.78
CA ASP A 108 -1.47 -1.91 8.27
C ASP A 108 -1.66 -2.90 7.13
N THR A 109 -0.85 -3.94 7.10
CA THR A 109 -0.97 -5.00 6.09
C THR A 109 -0.97 -6.37 6.75
N PRO A 110 -1.65 -7.35 6.13
CA PRO A 110 -1.65 -8.71 6.69
C PRO A 110 -0.35 -9.45 6.37
N GLY A 111 0.20 -10.15 7.35
CA GLY A 111 1.39 -10.96 7.16
C GLY A 111 1.04 -12.41 6.89
N SER A 112 -0.17 -12.81 7.30
CA SER A 112 -0.68 -14.14 7.00
C SER A 112 -0.59 -14.37 5.49
N ILE A 113 0.14 -15.40 5.09
CA ILE A 113 0.63 -15.52 3.72
C ILE A 113 -0.47 -15.53 2.67
N LYS A 114 -1.58 -16.22 2.97
CA LYS A 114 -2.68 -16.29 2.03
C LYS A 114 -3.19 -14.89 1.70
N TYR A 115 -3.20 -14.03 2.72
CA TYR A 115 -3.73 -12.68 2.58
C TYR A 115 -2.62 -11.70 2.21
N PHE A 116 -1.40 -11.99 2.63
CA PHE A 116 -0.24 -11.25 2.19
C PHE A 116 -0.15 -11.26 0.67
N ASN A 117 -0.34 -12.43 0.08
CA ASN A 117 -0.31 -12.58 -1.36
C ASN A 117 -1.49 -11.91 -2.04
N LYS A 118 -2.60 -11.77 -1.32
CA LYS A 118 -3.80 -11.18 -1.88
C LYS A 118 -3.75 -9.64 -1.92
N GLU A 119 -3.20 -9.03 -0.87
CA GLU A 119 -3.31 -7.59 -0.69
C GLU A 119 -1.99 -6.85 -0.46
N THR A 120 -1.09 -7.42 0.33
CA THR A 120 0.10 -6.69 0.77
C THR A 120 1.02 -6.28 -0.37
N LEU A 121 1.24 -7.18 -1.32
CA LEU A 121 2.10 -6.88 -2.47
C LEU A 121 1.53 -5.73 -3.29
N ASN A 122 0.21 -5.71 -3.45
CA ASN A 122 -0.44 -4.67 -4.22
C ASN A 122 -0.50 -3.34 -3.47
N SER A 123 -0.55 -3.40 -2.14
CA SER A 123 -0.57 -2.20 -1.33
CA SER A 123 -0.57 -2.20 -1.32
C SER A 123 0.69 -1.38 -1.56
N ILE A 124 1.80 -2.07 -1.79
CA ILE A 124 3.08 -1.41 -2.05
C ILE A 124 3.01 -0.64 -3.36
N LEU A 125 2.51 -1.29 -4.41
CA LEU A 125 2.42 -0.67 -5.72
C LEU A 125 1.33 0.40 -5.77
N THR A 126 0.21 0.15 -5.12
CA THR A 126 -0.94 1.04 -5.18
C THR A 126 -0.69 2.36 -4.45
N PHE A 127 -0.19 2.27 -3.22
CA PHE A 127 -0.07 3.45 -2.36
C PHE A 127 1.25 4.19 -2.56
N ASP A 128 2.28 3.49 -3.00
CA ASP A 128 3.57 4.11 -3.30
C ASP A 128 4.08 4.93 -2.11
N PRO A 129 4.31 4.26 -0.97
CA PRO A 129 4.65 4.95 0.28
C PRO A 129 6.06 5.52 0.29
N GLU A 130 6.22 6.64 1.01
CA GLU A 130 7.53 7.25 1.17
C GLU A 130 8.38 6.46 2.16
N VAL A 131 7.71 5.76 3.08
CA VAL A 131 8.41 5.02 4.14
C VAL A 131 7.89 3.60 4.28
N TYR A 132 8.81 2.65 4.39
CA TYR A 132 8.48 1.27 4.73
C TYR A 132 8.84 1.04 6.20
N VAL A 133 7.99 0.30 6.90
CA VAL A 133 8.29 -0.10 8.27
C VAL A 133 8.22 -1.61 8.36
N LEU A 134 9.39 -2.24 8.49
CA LEU A 134 9.48 -3.69 8.60
C LEU A 134 9.46 -4.07 10.07
N VAL A 135 8.43 -4.80 10.47
CA VAL A 135 8.29 -5.23 11.86
C VAL A 135 8.73 -6.67 12.02
N ILE A 136 9.60 -6.91 12.99
CA ILE A 136 10.21 -8.21 13.21
C ILE A 136 10.10 -8.65 14.67
N ASP A 137 9.60 -9.87 14.87
CA ASP A 137 9.52 -10.45 16.20
C ASP A 137 10.88 -11.01 16.59
N CYS A 138 11.51 -10.38 17.57
CA CYS A 138 12.87 -10.73 17.98
C CYS A 138 12.91 -11.73 19.12
N ASN A 139 11.75 -12.28 19.48
CA ASN A 139 11.68 -13.28 20.52
C ASN A 139 12.55 -14.48 20.17
N TYR A 140 13.00 -15.22 21.19
CA TYR A 140 13.82 -16.40 20.97
C TYR A 140 13.10 -17.37 20.04
N ASP A 141 13.88 -18.02 19.17
CA ASP A 141 13.40 -19.03 18.22
C ASP A 141 12.55 -18.46 17.08
N SER A 142 11.76 -17.43 17.34
CA SER A 142 10.89 -16.85 16.31
C SER A 142 11.70 -16.25 15.18
N TRP A 143 12.73 -15.49 15.54
CA TRP A 143 13.62 -14.87 14.56
C TRP A 143 14.30 -15.91 13.68
N GLU A 144 14.76 -16.99 14.30
CA GLU A 144 15.49 -18.03 13.57
C GLU A 144 14.58 -18.82 12.64
N LYS A 145 13.33 -19.02 13.06
CA LYS A 145 12.37 -19.77 12.26
C LYS A 145 11.87 -19.00 11.04
N SER A 146 12.05 -17.68 11.06
CA SER A 146 11.51 -16.83 10.01
C SER A 146 12.53 -16.54 8.90
N LEU A 147 13.65 -17.26 8.93
CA LEU A 147 14.70 -17.09 7.92
C LEU A 147 15.14 -18.43 7.37
N ASP A 148 14.20 -19.16 6.78
CA ASP A 148 14.48 -20.45 6.18
C ASP A 148 14.66 -20.29 4.67
N GLY A 149 15.90 -20.34 4.23
CA GLY A 149 16.21 -20.23 2.81
C GLY A 149 16.14 -18.80 2.31
N PRO A 150 16.44 -18.60 1.03
CA PRO A 150 16.47 -17.27 0.41
C PRO A 150 15.11 -16.80 -0.08
N ASN A 151 14.07 -17.58 0.21
CA ASN A 151 12.71 -17.28 -0.23
C ASN A 151 11.74 -17.14 0.94
N ASN A 152 12.27 -16.89 2.14
CA ASN A 152 11.41 -16.63 3.29
C ASN A 152 10.64 -15.34 3.06
N GLN A 153 9.53 -15.18 3.77
CA GLN A 153 8.61 -14.07 3.52
C GLN A 153 9.26 -12.70 3.70
N ILE A 154 10.17 -12.59 4.67
CA ILE A 154 10.84 -11.33 4.93
C ILE A 154 11.71 -10.91 3.74
N TYR A 155 12.41 -11.89 3.15
CA TYR A 155 13.25 -11.62 1.99
C TYR A 155 12.39 -11.30 0.76
N GLU A 156 11.21 -11.92 0.69
CA GLU A 156 10.28 -11.67 -0.40
C GLU A 156 9.82 -10.21 -0.37
N ILE A 157 9.57 -9.71 0.83
CA ILE A 157 9.24 -8.29 1.02
C ILE A 157 10.39 -7.42 0.51
N LEU A 158 11.61 -7.75 0.94
CA LEU A 158 12.78 -6.97 0.57
C LEU A 158 13.06 -7.07 -0.93
N LYS A 159 12.68 -8.19 -1.53
CA LYS A 159 12.89 -8.39 -2.96
C LYS A 159 12.06 -7.43 -3.80
N VAL A 160 11.05 -6.81 -3.18
CA VAL A 160 10.21 -5.83 -3.86
C VAL A 160 10.66 -4.40 -3.53
N ILE A 161 10.64 -4.06 -2.25
CA ILE A 161 10.88 -2.68 -1.84
C ILE A 161 12.33 -2.22 -2.03
N SER A 162 13.27 -3.17 -2.12
CA SER A 162 14.67 -2.83 -2.32
C SER A 162 14.96 -2.36 -3.74
N TYR A 163 14.11 -2.76 -4.68
CA TYR A 163 14.39 -2.59 -6.10
C TYR A 163 13.38 -1.71 -6.84
N LEU A 164 12.32 -1.32 -6.16
CA LEU A 164 11.34 -0.42 -6.77
C LEU A 164 11.93 0.97 -6.95
N ASN A 165 11.78 1.50 -8.15
CA ASN A 165 12.24 2.85 -8.47
C ASN A 165 13.74 3.04 -8.22
N LYS A 166 14.56 2.19 -8.85
CA LYS A 166 16.00 2.42 -8.85
C LYS A 166 16.29 3.57 -9.80
N ASN A 167 17.36 4.31 -9.54
CA ASN A 167 17.71 5.52 -10.28
C ASN A 167 16.68 6.64 -10.07
N SER A 168 15.84 6.49 -9.04
CA SER A 168 14.84 7.50 -8.72
C SER A 168 15.50 8.73 -8.11
N ALA A 169 14.83 9.87 -8.23
CA ALA A 169 15.31 11.11 -7.64
C ALA A 169 15.08 11.10 -6.14
N CYS A 170 13.82 10.86 -5.74
CA CYS A 170 13.48 10.74 -4.32
C CYS A 170 14.05 9.44 -3.77
N LYS A 171 14.68 9.52 -2.60
CA LYS A 171 15.39 8.39 -2.05
CA LYS A 171 15.41 8.41 -2.01
C LYS A 171 14.49 7.51 -1.19
N LYS A 172 14.96 6.28 -0.91
CA LYS A 172 14.20 5.32 -0.13
C LYS A 172 14.33 5.56 1.37
N HIS A 173 13.33 5.10 2.12
CA HIS A 173 13.35 5.18 3.58
C HIS A 173 12.74 3.93 4.21
N LEU A 174 13.55 3.24 5.01
CA LEU A 174 13.13 2.00 5.66
C LEU A 174 13.40 2.07 7.16
N ILE A 175 12.38 1.80 7.97
CA ILE A 175 12.56 1.64 9.40
C ILE A 175 12.33 0.19 9.78
N ILE A 176 13.34 -0.42 10.38
CA ILE A 176 13.22 -1.79 10.86
C ILE A 176 12.93 -1.75 12.35
N LEU A 177 11.78 -2.29 12.74
CA LEU A 177 11.39 -2.33 14.14
C LEU A 177 11.67 -3.70 14.75
N LEU A 178 12.65 -3.74 15.63
CA LEU A 178 12.99 -4.96 16.35
C LEU A 178 12.03 -5.12 17.51
N ASN A 179 10.89 -5.75 17.23
CA ASN A 179 9.73 -5.72 18.12
C ASN A 179 9.74 -6.82 19.17
N LYS A 180 8.88 -6.67 20.17
CA LYS A 180 8.76 -7.62 21.28
C LYS A 180 10.07 -7.74 22.03
N ALA A 181 10.74 -6.60 22.24
CA ALA A 181 12.01 -6.56 22.96
C ALA A 181 11.88 -7.04 24.40
N ASP A 182 10.68 -6.93 24.96
CA ASP A 182 10.46 -7.32 26.35
C ASP A 182 10.50 -8.82 26.55
N LEU A 183 10.12 -9.58 25.52
CA LEU A 183 10.15 -11.03 25.60
C LEU A 183 11.57 -11.58 25.74
N ILE A 184 12.55 -10.76 25.39
CA ILE A 184 13.96 -11.13 25.53
C ILE A 184 14.66 -10.23 26.55
N SER A 185 13.86 -9.44 27.26
CA SER A 185 14.38 -8.51 28.28
C SER A 185 15.48 -7.63 27.72
N TRP A 186 15.30 -7.20 26.47
CA TRP A 186 16.26 -6.32 25.79
C TRP A 186 17.65 -6.91 25.80
N ASP A 187 17.73 -8.20 25.48
CA ASP A 187 19.02 -8.90 25.35
C ASP A 187 19.92 -8.13 24.38
N LYS A 188 20.92 -7.46 24.92
CA LYS A 188 21.77 -6.58 24.13
C LYS A 188 22.52 -7.32 23.03
N HIS A 189 23.11 -8.47 23.38
N HIS A 189 23.11 -8.47 23.39
CA HIS A 189 23.86 -9.26 22.42
CA HIS A 189 23.87 -9.27 22.44
C HIS A 189 22.96 -9.77 21.30
C HIS A 189 22.98 -9.82 21.32
N ARG A 190 21.74 -10.16 21.65
CA ARG A 190 20.81 -10.72 20.68
C ARG A 190 20.28 -9.66 19.71
N LEU A 191 19.92 -8.49 20.23
CA LEU A 191 19.45 -7.40 19.38
C LEU A 191 20.57 -6.96 18.44
N GLU A 192 21.79 -6.94 18.97
CA GLU A 192 22.95 -6.61 18.16
C GLU A 192 23.16 -7.63 17.03
N MET A 193 22.93 -8.89 17.34
CA MET A 193 23.07 -9.96 16.35
C MET A 193 22.06 -9.80 15.22
N ILE A 194 20.79 -9.68 15.57
CA ILE A 194 19.73 -9.54 14.58
C ILE A 194 19.97 -8.32 13.70
N GLN A 195 20.35 -7.21 14.32
CA GLN A 195 20.64 -5.99 13.58
C GLN A 195 21.84 -6.18 12.65
N SER A 196 22.86 -6.89 13.14
CA SER A 196 24.05 -7.15 12.34
C SER A 196 23.69 -7.96 11.10
N GLU A 197 22.94 -9.04 11.30
CA GLU A 197 22.56 -9.94 10.21
C GLU A 197 21.76 -9.23 9.13
N LEU A 198 20.77 -8.45 9.54
CA LEU A 198 19.91 -7.74 8.59
C LEU A 198 20.67 -6.64 7.86
N ASN A 199 21.51 -5.93 8.60
CA ASN A 199 22.32 -4.87 8.02
C ASN A 199 23.18 -5.40 6.87
N TYR A 200 23.71 -6.60 7.04
CA TYR A 200 24.54 -7.21 6.02
C TYR A 200 23.74 -7.56 4.77
N VAL A 201 22.62 -8.24 4.96
CA VAL A 201 21.78 -8.67 3.85
C VAL A 201 21.20 -7.46 3.10
N LEU A 202 20.85 -6.42 3.85
CA LEU A 202 20.31 -5.21 3.25
C LEU A 202 21.37 -4.54 2.36
N LYS A 203 22.61 -4.54 2.83
CA LYS A 203 23.69 -3.87 2.12
C LYS A 203 24.25 -4.73 0.97
N GLU A 204 24.58 -5.97 1.28
CA GLU A 204 25.29 -6.82 0.33
C GLU A 204 24.37 -7.44 -0.72
N ASN A 205 23.18 -7.86 -0.32
CA ASN A 205 22.28 -8.55 -1.23
C ASN A 205 21.22 -7.64 -1.84
N PHE A 206 20.80 -6.63 -1.10
CA PHE A 206 19.69 -5.77 -1.53
C PHE A 206 20.10 -4.33 -1.77
N GLN A 207 21.40 -4.06 -1.64
CA GLN A 207 22.00 -2.82 -2.13
C GLN A 207 21.46 -1.56 -1.44
N TRP A 208 21.07 -1.68 -0.17
CA TRP A 208 20.66 -0.52 0.61
C TRP A 208 21.88 0.25 1.09
N THR A 209 21.72 1.56 1.28
CA THR A 209 22.78 2.40 1.83
C THR A 209 22.40 2.86 3.23
N ASP A 210 23.40 3.22 4.03
CA ASP A 210 23.20 3.61 5.42
C ASP A 210 22.12 4.66 5.62
N ALA A 211 22.09 5.64 4.71
CA ALA A 211 21.17 6.77 4.84
C ALA A 211 19.73 6.37 4.52
N GLU A 212 19.54 5.19 3.96
CA GLU A 212 18.23 4.76 3.49
C GLU A 212 17.45 3.95 4.52
N PHE A 213 18.12 3.49 5.58
CA PHE A 213 17.45 2.69 6.59
C PHE A 213 18.05 2.86 7.98
N GLN A 214 17.30 2.41 8.99
CA GLN A 214 17.77 2.42 10.37
C GLN A 214 16.98 1.41 11.20
N PHE A 215 17.57 1.00 12.33
CA PHE A 215 16.93 0.05 13.23
C PHE A 215 16.45 0.73 14.50
N ILE A 216 15.34 0.25 15.03
CA ILE A 216 14.78 0.76 16.28
C ILE A 216 14.21 -0.39 17.09
N PRO A 217 14.81 -0.71 18.25
CA PRO A 217 14.21 -1.74 19.09
C PRO A 217 13.00 -1.19 19.83
N CYS A 218 11.99 -2.02 20.06
CA CYS A 218 10.76 -1.53 20.68
C CYS A 218 9.87 -2.66 21.18
N SER A 219 8.80 -2.25 21.86
CA SER A 219 7.73 -3.15 22.26
C SER A 219 6.40 -2.44 22.03
N GLY A 220 5.73 -2.82 20.95
CA GLY A 220 4.47 -2.18 20.59
C GLY A 220 3.41 -2.39 21.66
N LEU A 221 3.49 -3.52 22.37
CA LEU A 221 2.50 -3.84 23.39
C LEU A 221 2.71 -2.99 24.64
N LEU A 222 3.95 -2.83 25.06
CA LEU A 222 4.27 -2.01 26.22
C LEU A 222 4.43 -0.54 25.83
N GLY A 223 4.72 -0.31 24.56
CA GLY A 223 4.93 1.04 24.05
C GLY A 223 6.35 1.53 24.27
N SER A 224 7.24 0.63 24.67
CA SER A 224 8.62 1.00 24.93
C SER A 224 9.30 1.51 23.66
N ASN A 225 9.84 2.72 23.72
CA ASN A 225 10.58 3.32 22.61
C ASN A 225 9.69 3.67 21.42
N LEU A 226 8.37 3.72 21.64
CA LEU A 226 7.45 4.18 20.60
C LEU A 226 7.48 5.69 20.49
N ASN A 227 7.58 6.37 21.63
CA ASN A 227 7.57 7.82 21.66
C ASN A 227 8.27 8.36 22.91
N LYS A 228 8.31 9.68 23.02
CA LYS A 228 8.95 10.40 24.13
C LYS A 228 10.26 9.76 24.57
N ILE A 244 7.44 -4.47 32.57
CA ILE A 244 8.19 -3.27 32.91
C ILE A 244 8.61 -2.52 31.65
N ASN A 245 7.98 -1.37 31.42
CA ASN A 245 8.38 -0.48 30.33
C ASN A 245 9.68 0.23 30.66
N TYR A 246 10.70 0.01 29.84
CA TYR A 246 11.98 0.69 30.00
C TYR A 246 12.80 0.59 28.73
N VAL A 247 13.63 1.60 28.50
CA VAL A 247 14.61 1.56 27.42
C VAL A 247 15.99 1.49 28.05
N PRO A 248 16.70 0.36 27.89
CA PRO A 248 18.02 0.16 28.50
C PRO A 248 18.94 1.36 28.38
N GLU A 249 19.78 1.55 29.40
CA GLU A 249 20.69 2.69 29.44
C GLU A 249 21.62 2.73 28.24
N TRP A 250 21.93 1.56 27.69
CA TRP A 250 22.90 1.45 26.61
C TRP A 250 22.34 1.87 25.25
N TYR A 251 21.01 2.03 25.17
CA TYR A 251 20.39 2.47 23.93
C TYR A 251 20.47 3.99 23.80
N GLU A 252 21.10 4.44 22.71
CA GLU A 252 21.31 5.86 22.46
C GLU A 252 20.44 6.34 21.28
N GLY A 253 19.81 5.40 20.59
CA GLY A 253 19.04 5.72 19.41
C GLY A 253 17.75 6.45 19.71
N PRO A 254 17.00 6.81 18.66
CA PRO A 254 15.74 7.56 18.74
C PRO A 254 14.52 6.68 18.97
N THR A 255 13.39 7.31 19.30
CA THR A 255 12.12 6.60 19.39
C THR A 255 11.53 6.46 18.00
N PHE A 256 10.52 5.61 17.85
CA PHE A 256 9.90 5.39 16.56
C PHE A 256 9.22 6.66 16.04
N PHE A 257 8.37 7.27 16.87
CA PHE A 257 7.61 8.43 16.42
C PHE A 257 8.49 9.64 16.14
N SER A 258 9.58 9.78 16.91
CA SER A 258 10.49 10.89 16.70
C SER A 258 11.08 10.82 15.29
N GLN A 259 11.32 9.61 14.81
CA GLN A 259 11.86 9.43 13.47
C GLN A 259 10.80 9.65 12.40
N LEU A 260 9.57 9.20 12.66
CA LEU A 260 8.47 9.48 11.75
C LEU A 260 8.25 10.98 11.63
N TYR A 261 8.37 11.69 12.75
CA TYR A 261 8.19 13.14 12.77
C TYR A 261 9.18 13.83 11.84
N LEU A 262 10.45 13.41 11.89
CA LEU A 262 11.48 14.00 11.05
C LEU A 262 11.22 13.73 9.58
N LEU A 263 10.81 12.50 9.27
CA LEU A 263 10.53 12.13 7.90
C LEU A 263 9.39 12.96 7.32
N VAL A 264 8.35 13.19 8.12
CA VAL A 264 7.25 14.05 7.71
C VAL A 264 7.77 15.48 7.47
N GLU A 265 8.60 15.96 8.40
CA GLU A 265 9.13 17.32 8.33
C GLU A 265 9.96 17.54 7.07
N HIS A 266 10.81 16.57 6.74
CA HIS A 266 11.68 16.68 5.57
C HIS A 266 10.92 16.41 4.28
N ASN A 267 9.73 15.82 4.39
CA ASN A 267 8.87 15.60 3.25
C ASN A 267 8.12 16.87 2.86
N MET A 268 8.11 17.83 3.78
CA MET A 268 7.48 19.13 3.52
C MET A 268 8.13 19.83 2.34
N ASN A 269 9.46 19.79 2.31
CA ASN A 269 10.23 20.42 1.25
C ASN A 269 10.16 19.60 -0.04
N LYS A 270 8.95 19.44 -0.57
CA LYS A 270 8.72 18.60 -1.73
C LYS A 270 8.04 19.38 -2.86
N ILE A 271 8.39 19.01 -4.09
CA ILE A 271 7.83 19.65 -5.28
C ILE A 271 6.40 19.16 -5.52
N GLU A 272 5.46 20.11 -5.64
CA GLU A 272 4.07 19.78 -5.95
C GLU A 272 3.74 20.18 -7.38
N THR A 273 3.50 19.17 -8.22
CA THR A 273 3.12 19.39 -9.62
C THR A 273 1.65 19.07 -9.83
N THR A 274 0.88 19.11 -8.74
CA THR A 274 -0.53 18.71 -8.76
C THR A 274 -1.33 19.40 -9.86
N LEU A 275 -1.01 20.66 -10.15
CA LEU A 275 -1.74 21.43 -11.13
C LEU A 275 -1.48 20.91 -12.54
N GLU A 276 -0.27 20.41 -12.76
CA GLU A 276 0.13 19.89 -14.05
C GLU A 276 -0.27 18.42 -14.21
N GLU A 277 -0.57 17.78 -13.09
CA GLU A 277 -0.91 16.36 -13.09
C GLU A 277 -2.31 16.11 -13.67
N PRO A 278 -2.44 15.14 -14.58
CA PRO A 278 -3.79 14.74 -15.03
C PRO A 278 -4.47 13.89 -13.96
N PHE A 279 -5.79 14.01 -13.82
CA PHE A 279 -6.48 13.27 -12.77
C PHE A 279 -6.51 11.77 -13.06
N VAL A 280 -6.10 10.99 -12.06
CA VAL A 280 -6.15 9.54 -12.14
C VAL A 280 -6.54 8.99 -10.78
N GLY A 281 -7.51 8.09 -10.76
CA GLY A 281 -8.00 7.49 -9.53
C GLY A 281 -8.08 5.99 -9.64
N THR A 282 -7.83 5.32 -8.52
CA THR A 282 -7.97 3.87 -8.43
C THR A 282 -9.19 3.51 -7.60
N ILE A 283 -10.04 2.66 -8.17
CA ILE A 283 -11.24 2.24 -7.48
C ILE A 283 -10.92 1.11 -6.52
N LEU A 284 -11.06 1.38 -5.23
CA LEU A 284 -10.76 0.41 -4.18
C LEU A 284 -11.98 -0.41 -3.81
N GLN A 285 -13.16 0.16 -4.06
CA GLN A 285 -14.43 -0.50 -3.76
C GLN A 285 -15.55 0.13 -4.56
N SER A 286 -16.56 -0.68 -4.91
CA SER A 286 -17.66 -0.24 -5.75
C SER A 286 -18.99 -0.85 -5.34
N SER A 287 -20.06 -0.06 -5.46
CA SER A 287 -21.40 -0.54 -5.13
C SER A 287 -22.48 0.28 -5.84
N VAL A 288 -23.25 -0.41 -6.68
CA VAL A 288 -24.35 0.24 -7.39
C VAL A 288 -25.57 0.35 -6.48
N LEU A 289 -26.11 1.55 -6.35
CA LEU A 289 -27.31 1.78 -5.56
C LEU A 289 -28.52 1.08 -6.18
N GLN A 290 -29.32 0.45 -5.35
CA GLN A 290 -30.47 -0.34 -5.80
C GLN A 290 -31.78 0.33 -5.40
N PRO A 291 -32.85 0.11 -6.18
CA PRO A 291 -32.89 -0.69 -7.42
C PRO A 291 -32.32 0.08 -8.61
N ILE A 292 -31.76 -0.64 -9.57
CA ILE A 292 -31.25 -0.04 -10.79
C ILE A 292 -32.39 0.60 -11.59
N ALA A 293 -32.06 1.66 -12.32
CA ALA A 293 -33.03 2.38 -13.13
C ALA A 293 -32.38 2.88 -14.41
N GLU A 294 -33.08 3.73 -15.15
CA GLU A 294 -32.56 4.29 -16.40
C GLU A 294 -31.27 5.06 -16.12
N ILE A 295 -31.30 5.87 -15.06
CA ILE A 295 -30.10 6.54 -14.55
C ILE A 295 -29.71 5.89 -13.23
N ASN A 296 -28.45 5.48 -13.14
CA ASN A 296 -27.95 4.76 -11.96
C ASN A 296 -26.87 5.54 -11.24
N TYR A 297 -26.76 5.28 -9.94
CA TYR A 297 -25.80 5.95 -9.08
C TYR A 297 -24.85 4.92 -8.45
N VAL A 298 -23.55 5.11 -8.69
CA VAL A 298 -22.52 4.19 -8.21
C VAL A 298 -21.65 4.86 -7.15
N SER A 299 -21.58 4.23 -5.97
CA SER A 299 -20.72 4.72 -4.90
C SER A 299 -19.33 4.07 -5.02
N LEU A 300 -18.32 4.92 -5.16
CA LEU A 300 -16.95 4.46 -5.35
C LEU A 300 -16.04 4.90 -4.20
N LYS A 301 -15.24 3.97 -3.68
CA LYS A 301 -14.12 4.33 -2.82
C LYS A 301 -12.90 4.49 -3.71
N VAL A 302 -12.40 5.73 -3.81
CA VAL A 302 -11.38 6.08 -4.80
C VAL A 302 -10.09 6.58 -4.16
N LEU A 303 -8.98 5.95 -4.51
CA LEU A 303 -7.65 6.46 -4.20
C LEU A 303 -7.17 7.33 -5.34
N ILE A 304 -6.96 8.61 -5.07
CA ILE A 304 -6.46 9.53 -6.08
C ILE A 304 -4.96 9.33 -6.27
N ASN A 305 -4.58 8.97 -7.49
CA ASN A 305 -3.17 8.70 -7.81
C ASN A 305 -2.44 9.96 -8.25
N SER A 306 -3.17 10.89 -8.87
CA SER A 306 -2.57 12.13 -9.36
C SER A 306 -3.64 13.15 -9.70
N GLY A 307 -3.23 14.38 -9.92
CA GLY A 307 -4.14 15.45 -10.32
C GLY A 307 -5.17 15.76 -9.26
N TYR A 308 -6.33 16.23 -9.70
CA TYR A 308 -7.39 16.65 -8.79
C TYR A 308 -8.76 16.37 -9.38
N ILE A 309 -9.72 16.10 -8.50
CA ILE A 309 -11.12 15.90 -8.90
C ILE A 309 -12.01 16.84 -8.09
N GLN A 310 -13.00 17.42 -8.76
CA GLN A 310 -13.98 18.28 -8.10
C GLN A 310 -15.38 17.87 -8.52
N SER A 311 -16.31 17.95 -7.57
CA SER A 311 -17.70 17.55 -7.80
C SER A 311 -18.29 18.29 -8.99
N GLY A 312 -19.06 17.56 -9.81
CA GLY A 312 -19.69 18.13 -10.99
C GLY A 312 -18.94 17.79 -12.27
N GLN A 313 -17.69 17.37 -12.13
CA GLN A 313 -16.86 17.04 -13.29
C GLN A 313 -17.31 15.74 -13.96
N THR A 314 -17.18 15.71 -15.28
CA THR A 314 -17.44 14.49 -16.04
C THR A 314 -16.22 13.58 -15.93
N ILE A 315 -16.46 12.27 -15.96
CA ILE A 315 -15.41 11.28 -15.74
C ILE A 315 -15.57 10.06 -16.64
N GLU A 316 -14.53 9.24 -16.69
CA GLU A 316 -14.57 7.96 -17.40
C GLU A 316 -14.13 6.84 -16.48
N ILE A 317 -14.94 5.79 -16.38
CA ILE A 317 -14.61 4.63 -15.57
C ILE A 317 -14.26 3.46 -16.47
N HIS A 318 -12.99 3.07 -16.48
CA HIS A 318 -12.53 1.97 -17.32
C HIS A 318 -12.37 0.70 -16.50
N THR A 319 -13.04 -0.36 -16.94
CA THR A 319 -13.07 -1.62 -16.21
C THR A 319 -11.97 -2.57 -16.67
N GLN A 320 -11.70 -3.57 -15.85
CA GLN A 320 -10.73 -4.61 -16.19
C GLN A 320 -11.22 -5.41 -17.39
N TYR A 321 -12.55 -5.53 -17.52
CA TYR A 321 -13.14 -6.12 -18.72
C TYR A 321 -12.71 -5.31 -19.94
N GLU A 322 -12.35 -6.00 -21.01
CA GLU A 322 -11.90 -5.36 -22.23
C GLU A 322 -12.91 -4.33 -22.71
N ASP A 323 -12.43 -3.15 -23.07
CA ASP A 323 -13.30 -2.04 -23.43
C ASP A 323 -14.19 -1.72 -22.23
N PHE A 324 -15.48 -1.48 -22.49
CA PHE A 324 -16.48 -1.37 -21.44
C PHE A 324 -16.21 -0.20 -20.48
N HIS A 325 -16.02 0.99 -21.04
CA HIS A 325 -15.84 2.19 -20.23
C HIS A 325 -17.18 2.92 -20.05
N TYR A 326 -17.33 3.59 -18.91
CA TYR A 326 -18.57 4.30 -18.58
C TYR A 326 -18.32 5.80 -18.46
N TYR A 327 -19.27 6.59 -18.95
CA TYR A 327 -19.25 8.04 -18.77
C TYR A 327 -20.26 8.44 -17.70
N GLY A 328 -19.86 9.36 -16.83
CA GLY A 328 -20.73 9.81 -15.76
C GLY A 328 -20.29 11.14 -15.18
N ILE A 329 -21.04 11.61 -14.19
CA ILE A 329 -20.73 12.87 -13.52
C ILE A 329 -20.60 12.63 -12.02
N VAL A 330 -19.70 13.37 -11.38
CA VAL A 330 -19.51 13.29 -9.94
C VAL A 330 -20.63 14.05 -9.24
N SER A 331 -21.52 13.32 -8.59
CA SER A 331 -22.67 13.93 -7.91
CA SER A 331 -22.66 13.91 -7.91
C SER A 331 -22.25 14.56 -6.59
N ARG A 332 -21.48 13.82 -5.79
CA ARG A 332 -21.02 14.31 -4.50
C ARG A 332 -19.78 13.55 -4.04
N MET A 333 -19.06 14.13 -3.09
CA MET A 333 -17.85 13.51 -2.55
C MET A 333 -17.77 13.70 -1.03
N LYS A 334 -17.41 12.62 -0.34
CA LYS A 334 -17.29 12.63 1.12
C LYS A 334 -15.98 12.00 1.55
N ASN A 335 -15.60 12.24 2.81
CA ASN A 335 -14.45 11.55 3.39
C ASN A 335 -14.73 10.07 3.51
N SER A 336 -13.71 9.25 3.24
CA SER A 336 -13.86 7.81 3.31
C SER A 336 -14.04 7.32 4.74
N LYS A 337 -14.83 6.27 4.91
CA LYS A 337 -15.07 5.71 6.23
C LYS A 337 -13.78 5.09 6.76
N GLN A 338 -13.27 5.67 7.85
CA GLN A 338 -11.96 5.33 8.40
C GLN A 338 -12.10 4.67 9.76
N ILE A 339 -11.07 3.93 10.18
CA ILE A 339 -11.05 3.30 11.49
C ILE A 339 -11.18 4.35 12.60
N LEU A 340 -10.48 5.46 12.45
CA LEU A 340 -10.59 6.56 13.40
C LEU A 340 -11.88 7.33 13.17
N GLU A 341 -12.39 7.95 14.24
CA GLU A 341 -13.61 8.74 14.13
C GLU A 341 -13.38 9.94 13.22
N THR A 342 -14.22 10.06 12.20
CA THR A 342 -14.11 11.12 11.22
C THR A 342 -15.50 11.54 10.76
N ASN A 343 -15.56 12.66 10.04
CA ASN A 343 -16.85 13.19 9.56
C ASN A 343 -17.14 12.73 8.13
N THR A 344 -18.04 11.76 8.00
CA THR A 344 -18.42 11.22 6.71
C THR A 344 -19.71 11.87 6.19
N LYS A 345 -20.19 12.88 6.92
CA LYS A 345 -21.45 13.55 6.55
C LYS A 345 -21.22 14.70 5.59
N ASN A 346 -20.19 15.50 5.85
CA ASN A 346 -19.95 16.71 5.06
C ASN A 346 -19.40 16.41 3.67
N ASN A 347 -19.84 17.20 2.69
CA ASN A 347 -19.35 17.07 1.32
C ASN A 347 -17.97 17.71 1.17
N ILE A 348 -17.21 17.23 0.19
CA ILE A 348 -15.90 17.79 -0.12
C ILE A 348 -15.96 18.44 -1.51
N SER A 349 -15.38 19.63 -1.62
CA SER A 349 -15.36 20.35 -2.88
C SER A 349 -14.34 19.73 -3.85
N VAL A 350 -13.14 19.49 -3.34
CA VAL A 350 -12.03 19.04 -4.17
C VAL A 350 -11.29 17.87 -3.55
N GLY A 351 -10.99 16.86 -4.37
CA GLY A 351 -10.20 15.72 -3.96
C GLY A 351 -8.80 15.84 -4.54
N LEU A 352 -7.80 15.67 -3.70
CA LEU A 352 -6.40 15.84 -4.11
C LEU A 352 -5.56 14.62 -3.77
N ASN A 353 -4.66 14.27 -4.69
CA ASN A 353 -3.63 13.27 -4.44
C ASN A 353 -2.96 13.53 -3.08
N PRO A 354 -2.86 12.50 -2.21
CA PRO A 354 -3.25 11.09 -2.31
C PRO A 354 -4.48 10.69 -1.46
N ASP A 355 -5.35 11.62 -1.11
CA ASP A 355 -6.45 11.29 -0.20
C ASP A 355 -7.41 10.27 -0.83
N ILE A 356 -8.18 9.61 0.03
CA ILE A 356 -9.16 8.62 -0.39
C ILE A 356 -10.56 9.14 -0.12
N LEU A 357 -11.41 9.13 -1.14
CA LEU A 357 -12.76 9.70 -1.05
C LEU A 357 -13.85 8.73 -1.49
N GLU A 358 -15.01 8.86 -0.86
CA GLU A 358 -16.23 8.24 -1.38
C GLU A 358 -16.74 9.15 -2.50
N VAL A 359 -17.00 8.58 -3.67
CA VAL A 359 -17.45 9.34 -4.83
C VAL A 359 -18.71 8.74 -5.40
N LEU A 360 -19.79 9.51 -5.39
CA LEU A 360 -21.06 9.09 -5.97
C LEU A 360 -21.12 9.52 -7.43
N VAL A 361 -21.14 8.54 -8.32
CA VAL A 361 -21.14 8.80 -9.76
C VAL A 361 -22.52 8.54 -10.38
N LYS A 362 -22.99 9.52 -11.15
CA LYS A 362 -24.26 9.40 -11.86
C LYS A 362 -24.01 8.97 -13.30
N ILE A 363 -24.66 7.88 -13.71
CA ILE A 363 -24.45 7.30 -15.04
C ILE A 363 -25.76 7.06 -15.77
N HIS A 364 -25.89 7.69 -16.94
N HIS A 364 -25.90 7.66 -16.95
CA HIS A 364 -27.05 7.48 -17.80
CA HIS A 364 -27.10 7.48 -17.77
C HIS A 364 -26.86 6.21 -18.63
C HIS A 364 -26.95 6.30 -18.71
N ASN A 365 -27.83 5.31 -18.56
CA ASN A 365 -27.81 4.12 -19.41
C ASN A 365 -28.36 4.44 -20.79
N THR A 366 -27.70 3.92 -21.82
CA THR A 366 -28.03 4.24 -23.20
C THR A 366 -29.27 3.49 -23.69
N GLU A 367 -29.31 2.20 -23.40
CA GLU A 367 -30.38 1.31 -23.85
C GLU A 367 -31.15 0.75 -22.66
N ASP A 368 -31.79 -0.40 -22.86
CA ASP A 368 -32.37 -1.17 -21.77
C ASP A 368 -31.37 -1.29 -20.61
N PHE A 369 -31.85 -1.10 -19.39
CA PHE A 369 -30.97 -1.04 -18.22
C PHE A 369 -30.97 -2.33 -17.39
N THR A 370 -31.88 -3.26 -17.70
CA THR A 370 -31.94 -4.50 -16.94
C THR A 370 -31.09 -5.59 -17.59
N LYS A 371 -30.89 -5.49 -18.90
CA LYS A 371 -30.05 -6.43 -19.62
C LYS A 371 -28.57 -6.12 -19.35
N LYS A 372 -28.22 -4.85 -19.54
CA LYS A 372 -26.85 -4.38 -19.32
C LYS A 372 -26.66 -3.94 -17.87
N GLN A 373 -25.62 -4.46 -17.24
CA GLN A 373 -25.31 -4.11 -15.85
C GLN A 373 -23.82 -3.78 -15.70
N PHE A 374 -23.52 -2.90 -14.74
CA PHE A 374 -22.16 -2.47 -14.49
C PHE A 374 -21.29 -3.60 -13.97
N HIS A 375 -20.06 -3.67 -14.48
CA HIS A 375 -19.08 -4.65 -14.00
C HIS A 375 -17.85 -3.92 -13.46
N ILE A 376 -18.09 -3.05 -12.48
CA ILE A 376 -17.03 -2.27 -11.85
C ILE A 376 -16.48 -3.03 -10.65
N ARG A 377 -15.16 -3.21 -10.63
CA ARG A 377 -14.49 -4.03 -9.63
C ARG A 377 -13.25 -3.34 -9.06
N LYS A 378 -12.64 -3.96 -8.06
CA LYS A 378 -11.39 -3.47 -7.49
C LYS A 378 -10.32 -3.36 -8.56
N GLY A 379 -9.60 -2.24 -8.57
CA GLY A 379 -8.48 -2.07 -9.47
C GLY A 379 -8.84 -1.29 -10.72
N ASP A 380 -10.13 -1.17 -10.99
CA ASP A 380 -10.59 -0.34 -12.09
C ASP A 380 -10.17 1.11 -11.82
N ILE A 381 -9.98 1.87 -12.88
CA ILE A 381 -9.48 3.24 -12.75
C ILE A 381 -10.54 4.25 -13.16
N ILE A 382 -10.34 5.49 -12.73
CA ILE A 382 -11.24 6.58 -13.04
C ILE A 382 -10.43 7.83 -13.40
N ILE A 383 -10.72 8.38 -14.58
CA ILE A 383 -10.04 9.57 -15.06
C ILE A 383 -11.06 10.65 -15.43
N HIS A 384 -10.59 11.86 -15.65
CA HIS A 384 -11.46 12.93 -16.11
C HIS A 384 -11.88 12.64 -17.55
N SER A 385 -13.03 13.16 -17.94
CA SER A 385 -13.57 12.88 -19.27
C SER A 385 -12.69 13.48 -20.37
N ARG A 386 -12.62 12.76 -21.48
CA ARG A 386 -11.90 13.23 -22.66
C ARG A 386 -12.83 13.12 -23.87
N LYS A 387 -14.13 13.23 -23.59
CA LYS A 387 -15.16 13.22 -24.62
C LYS A 387 -15.01 14.43 -25.52
N THR A 388 -15.25 14.24 -26.81
CA THR A 388 -15.12 15.31 -27.80
C THR A 388 -16.46 16.01 -28.01
N ASN A 397 -3.41 17.23 -26.02
CA ASN A 397 -2.97 17.06 -24.64
C ASN A 397 -3.90 16.15 -23.85
N THR A 398 -4.69 15.36 -24.56
CA THR A 398 -5.61 14.43 -23.92
C THR A 398 -4.81 13.29 -23.27
N LEU A 399 -5.32 12.77 -22.16
CA LEU A 399 -4.61 11.74 -21.42
C LEU A 399 -4.59 10.42 -22.19
N LYS A 400 -3.39 9.86 -22.35
CA LYS A 400 -3.22 8.62 -23.09
C LYS A 400 -3.51 7.41 -22.19
N LEU A 401 -4.35 6.51 -22.70
CA LEU A 401 -4.77 5.34 -21.94
C LEU A 401 -4.67 4.08 -22.79
N LEU A 402 -4.06 3.04 -22.24
CA LEU A 402 -3.82 1.79 -22.96
C LEU A 402 -4.57 0.62 -22.31
N ALA A 403 -5.14 -0.23 -23.15
CA ALA A 403 -5.76 -1.48 -22.71
C ALA A 403 -4.96 -2.64 -23.29
N LEU A 404 -4.14 -3.26 -22.46
CA LEU A 404 -3.12 -4.19 -22.93
C LEU A 404 -3.37 -5.64 -22.52
N ARG A 405 -3.30 -6.54 -23.49
CA ARG A 405 -3.28 -7.98 -23.24
C ARG A 405 -1.86 -8.50 -23.44
N LEU A 406 -1.17 -7.95 -24.44
CA LEU A 406 0.25 -8.22 -24.64
C LEU A 406 1.05 -7.06 -24.07
N ILE A 407 1.78 -7.32 -22.98
CA ILE A 407 2.39 -6.26 -22.20
C ILE A 407 3.91 -6.32 -22.24
N LYS A 408 4.52 -5.21 -22.63
CA LYS A 408 5.98 -5.10 -22.66
C LYS A 408 6.47 -4.60 -21.30
N LEU A 409 7.44 -5.32 -20.73
CA LEU A 409 7.95 -5.02 -19.39
C LEU A 409 9.43 -4.69 -19.39
N SER A 410 9.79 -3.57 -18.76
CA SER A 410 11.18 -3.22 -18.52
C SER A 410 11.57 -3.67 -17.11
N ILE A 411 12.19 -4.84 -17.00
CA ILE A 411 12.46 -5.46 -15.70
C ILE A 411 13.94 -5.53 -15.37
N GLN A 412 14.24 -5.78 -14.10
CA GLN A 412 15.59 -6.09 -13.66
C GLN A 412 15.55 -7.20 -12.61
N THR A 413 16.31 -8.27 -12.86
CA THR A 413 16.40 -9.38 -11.94
C THR A 413 17.63 -9.23 -11.04
N HIS A 414 17.68 -10.02 -9.98
CA HIS A 414 18.86 -10.11 -9.12
C HIS A 414 19.09 -11.58 -8.78
N ALA A 415 19.08 -11.94 -7.49
CA ALA A 415 19.23 -13.33 -7.11
C ALA A 415 18.06 -14.14 -7.63
N LEU A 416 18.34 -15.29 -8.21
CA LEU A 416 17.32 -16.12 -8.82
C LEU A 416 17.72 -17.59 -8.73
N SER A 417 16.89 -18.39 -8.08
CA SER A 417 17.17 -19.80 -7.85
C SER A 417 17.28 -20.54 -9.18
N ASP A 418 16.18 -20.55 -9.92
CA ASP A 418 16.14 -21.23 -11.22
C ASP A 418 15.74 -20.23 -12.31
N PRO A 419 16.45 -20.25 -13.45
CA PRO A 419 16.06 -19.37 -14.56
C PRO A 419 14.62 -19.61 -15.03
N VAL A 420 13.95 -18.55 -15.49
CA VAL A 420 12.58 -18.64 -15.95
C VAL A 420 12.53 -18.80 -17.47
N ASP A 421 12.20 -20.00 -17.92
CA ASP A 421 12.16 -20.29 -19.36
C ASP A 421 10.92 -19.68 -20.01
N LEU A 422 11.02 -19.45 -21.31
CA LEU A 422 9.88 -18.95 -22.09
C LEU A 422 8.71 -19.90 -22.00
N GLY A 423 7.49 -19.35 -22.12
CA GLY A 423 6.28 -20.15 -22.01
C GLY A 423 5.84 -20.36 -20.58
N SER A 424 6.65 -19.86 -19.63
CA SER A 424 6.34 -19.99 -18.21
C SER A 424 5.12 -19.18 -17.82
N GLU A 425 4.35 -19.69 -16.86
CA GLU A 425 3.23 -18.97 -16.28
C GLU A 425 3.71 -18.16 -15.08
N LEU A 426 3.47 -16.86 -15.13
CA LEU A 426 3.84 -15.94 -14.05
C LEU A 426 2.63 -15.15 -13.56
N LEU A 427 2.80 -14.43 -12.46
CA LEU A 427 1.80 -13.49 -11.97
C LEU A 427 2.31 -12.06 -12.09
N LEU A 428 1.57 -11.25 -12.85
CA LEU A 428 1.92 -9.85 -13.02
C LEU A 428 1.16 -8.96 -12.05
N TYR A 429 1.87 -8.44 -11.05
CA TYR A 429 1.28 -7.48 -10.12
C TYR A 429 1.44 -6.07 -10.68
N HIS A 430 0.33 -5.33 -10.74
CA HIS A 430 0.33 -3.96 -11.22
C HIS A 430 -0.76 -3.16 -10.53
N ASN A 431 -0.36 -2.06 -9.90
CA ASN A 431 -1.27 -1.24 -9.11
C ASN A 431 -2.00 -2.11 -8.09
N LEU A 432 -3.30 -2.34 -8.28
CA LEU A 432 -4.09 -3.11 -7.33
C LEU A 432 -4.35 -4.54 -7.80
N THR A 433 -4.06 -4.81 -9.08
CA THR A 433 -4.39 -6.09 -9.69
C THR A 433 -3.21 -7.06 -9.74
N HIS A 434 -3.53 -8.35 -9.74
CA HIS A 434 -2.55 -9.40 -10.02
C HIS A 434 -3.18 -10.42 -10.96
N ASN A 435 -2.56 -10.57 -12.13
CA ASN A 435 -3.09 -11.45 -13.18
C ASN A 435 -2.06 -12.46 -13.64
N ALA A 436 -2.52 -13.67 -13.91
CA ALA A 436 -1.66 -14.70 -14.47
C ALA A 436 -1.30 -14.35 -15.89
N VAL A 437 -0.01 -14.41 -16.21
CA VAL A 437 0.48 -14.09 -17.53
C VAL A 437 1.40 -15.19 -18.04
N LYS A 438 1.57 -15.25 -19.36
CA LYS A 438 2.49 -16.18 -19.99
C LYS A 438 3.69 -15.41 -20.54
N LEU A 439 4.88 -15.89 -20.22
CA LEU A 439 6.11 -15.28 -20.73
C LEU A 439 6.32 -15.70 -22.19
N VAL A 440 6.20 -14.74 -23.10
CA VAL A 440 6.13 -15.06 -24.53
C VAL A 440 7.36 -14.61 -25.33
N LYS A 441 8.08 -13.62 -24.84
CA LYS A 441 9.27 -13.14 -25.55
C LYS A 441 10.27 -12.43 -24.64
N ILE A 442 11.54 -12.80 -24.78
CA ILE A 442 12.65 -12.11 -24.14
C ILE A 442 13.36 -11.27 -25.18
N LEU A 443 13.06 -9.98 -25.21
CA LEU A 443 13.54 -9.10 -26.27
C LEU A 443 15.02 -8.75 -26.10
N GLY A 444 15.63 -8.26 -27.18
CA GLY A 444 17.02 -7.85 -27.16
C GLY A 444 18.00 -9.00 -27.26
N THR A 445 17.49 -10.23 -27.13
CA THR A 445 18.34 -11.41 -27.13
C THR A 445 17.56 -12.63 -27.60
N ASN A 446 18.27 -13.63 -28.12
CA ASN A 446 17.66 -14.88 -28.53
C ASN A 446 17.55 -15.87 -27.36
N ASP A 447 17.93 -15.41 -26.17
CA ASP A 447 17.88 -16.26 -24.99
C ASP A 447 16.48 -16.81 -24.76
N ILE A 448 16.42 -17.99 -24.15
CA ILE A 448 15.14 -18.67 -23.93
C ILE A 448 14.86 -18.78 -22.44
N SER A 449 15.53 -17.94 -21.65
CA SER A 449 15.34 -17.94 -20.21
C SER A 449 15.84 -16.66 -19.56
N ILE A 450 15.15 -16.22 -18.52
CA ILE A 450 15.58 -15.06 -17.74
C ILE A 450 16.55 -15.54 -16.66
N ASN A 451 17.67 -14.85 -16.53
CA ASN A 451 18.75 -15.27 -15.64
C ASN A 451 19.02 -14.24 -14.54
N PRO A 452 19.81 -14.63 -13.52
CA PRO A 452 20.11 -13.71 -12.41
C PRO A 452 20.84 -12.44 -12.85
N ASN A 453 20.56 -11.34 -12.16
CA ASN A 453 21.26 -10.07 -12.39
C ASN A 453 21.27 -9.65 -13.86
N GLN A 454 20.09 -9.45 -14.42
CA GLN A 454 19.93 -9.01 -15.81
C GLN A 454 18.96 -7.85 -15.91
N SER A 455 19.25 -6.93 -16.83
CA SER A 455 18.31 -5.87 -17.18
C SER A 455 17.72 -6.18 -18.54
N LEU A 456 16.49 -6.67 -18.56
CA LEU A 456 15.87 -7.17 -19.77
C LEU A 456 14.61 -6.39 -20.17
N ILE A 457 14.27 -6.51 -21.45
CA ILE A 457 12.95 -6.12 -21.94
C ILE A 457 12.22 -7.41 -22.28
N VAL A 458 11.00 -7.53 -21.79
CA VAL A 458 10.25 -8.78 -21.88
C VAL A 458 8.78 -8.53 -22.20
N GLU A 459 8.18 -9.46 -22.95
CA GLU A 459 6.75 -9.40 -23.24
C GLU A 459 6.01 -10.52 -22.52
N VAL A 460 4.88 -10.17 -21.91
CA VAL A 460 4.00 -11.13 -21.28
C VAL A 460 2.59 -10.98 -21.83
N GLU A 461 1.82 -12.07 -21.83
CA GLU A 461 0.47 -12.07 -22.35
C GLU A 461 -0.53 -12.51 -21.30
N ILE A 462 -1.63 -11.75 -21.17
CA ILE A 462 -2.69 -12.09 -20.24
C ILE A 462 -3.29 -13.45 -20.61
N ILE A 463 -3.52 -14.28 -19.59
CA ILE A 463 -4.15 -15.58 -19.76
C ILE A 463 -5.67 -15.47 -19.68
N GLU A 464 -6.15 -14.77 -18.66
CA GLU A 464 -7.59 -14.65 -18.41
C GLU A 464 -8.30 -14.07 -19.64
N PRO A 465 -9.24 -14.83 -20.23
CA PRO A 465 -9.98 -14.31 -21.38
C PRO A 465 -10.77 -13.05 -21.06
N ASP A 466 -10.96 -12.20 -22.07
CA ASP A 466 -11.77 -10.99 -21.94
C ASP A 466 -11.29 -10.09 -20.80
N PHE A 467 -9.99 -10.12 -20.55
CA PHE A 467 -9.37 -9.27 -19.54
C PHE A 467 -8.26 -8.43 -20.18
N ALA A 468 -8.16 -7.17 -19.75
CA ALA A 468 -7.15 -6.26 -20.27
C ALA A 468 -6.64 -5.34 -19.18
N LEU A 469 -5.33 -5.17 -19.11
CA LEU A 469 -4.70 -4.31 -18.11
C LEU A 469 -4.79 -2.85 -18.53
N ASN A 470 -5.40 -2.04 -17.67
CA ASN A 470 -5.50 -0.60 -17.92
C ASN A 470 -4.23 0.13 -17.52
N VAL A 471 -3.56 0.72 -18.50
CA VAL A 471 -2.30 1.43 -18.27
C VAL A 471 -2.36 2.86 -18.78
N ILE A 472 -2.01 3.80 -17.90
CA ILE A 472 -1.96 5.21 -18.25
C ILE A 472 -0.52 5.60 -18.62
N ASP A 473 -0.36 6.12 -19.84
CA ASP A 473 0.95 6.55 -20.33
C ASP A 473 1.16 8.03 -20.02
N SER A 474 1.91 8.30 -18.95
CA SER A 474 2.18 9.67 -18.54
C SER A 474 3.43 9.74 -17.67
N LYS A 475 4.09 10.90 -17.70
CA LYS A 475 5.29 11.11 -16.90
C LYS A 475 4.98 11.08 -15.40
N TYR A 476 3.70 11.24 -15.07
CA TYR A 476 3.28 11.36 -13.67
C TYR A 476 2.87 10.02 -13.06
N ILE A 477 2.77 8.98 -13.88
CA ILE A 477 2.37 7.65 -13.42
C ILE A 477 3.54 6.68 -13.48
N THR A 478 3.77 5.99 -12.38
CA THR A 478 4.92 5.09 -12.25
C THR A 478 4.78 3.82 -13.10
N ASN A 479 3.64 3.14 -12.94
CA ASN A 479 3.40 1.85 -13.58
C ASN A 479 4.44 0.81 -13.19
N ASN A 480 4.83 0.83 -11.92
CA ASN A 480 5.68 -0.22 -11.37
C ASN A 480 4.98 -1.56 -11.42
N ILE A 481 5.74 -2.62 -11.63
CA ILE A 481 5.21 -3.98 -11.61
C ILE A 481 6.11 -4.91 -10.82
N VAL A 482 5.57 -6.07 -10.46
CA VAL A 482 6.34 -7.14 -9.86
C VAL A 482 5.92 -8.46 -10.50
N LEU A 483 6.90 -9.21 -10.99
CA LEU A 483 6.66 -10.54 -11.53
C LEU A 483 6.97 -11.58 -10.46
N THR A 484 6.03 -12.49 -10.25
CA THR A 484 6.23 -13.60 -9.32
C THR A 484 5.88 -14.91 -10.00
N SER A 485 6.26 -16.01 -9.37
CA SER A 485 5.84 -17.32 -9.81
C SER A 485 4.38 -17.53 -9.39
N ILE A 486 3.82 -18.68 -9.74
CA ILE A 486 2.46 -19.02 -9.31
C ILE A 486 2.47 -19.25 -7.80
N ASP A 487 3.63 -19.62 -7.28
CA ASP A 487 3.80 -19.81 -5.84
C ASP A 487 4.12 -18.50 -5.14
N HIS A 488 3.88 -17.38 -5.84
CA HIS A 488 4.02 -16.04 -5.27
C HIS A 488 5.43 -15.72 -4.78
N LYS A 489 6.44 -16.28 -5.45
CA LYS A 489 7.83 -15.96 -5.16
C LYS A 489 8.34 -14.92 -6.14
N VAL A 490 8.91 -13.84 -5.62
CA VAL A 490 9.34 -12.72 -6.46
C VAL A 490 10.46 -13.13 -7.41
N ILE A 491 10.29 -12.77 -8.68
CA ILE A 491 11.27 -13.07 -9.72
C ILE A 491 11.96 -11.79 -10.17
N ALA A 492 11.18 -10.71 -10.28
CA ALA A 492 11.71 -9.47 -10.81
C ALA A 492 10.86 -8.26 -10.43
N VAL A 493 11.44 -7.08 -10.62
CA VAL A 493 10.76 -5.81 -10.48
C VAL A 493 10.93 -5.08 -11.80
N GLY A 494 10.00 -4.17 -12.13
CA GLY A 494 10.11 -3.43 -13.37
C GLY A 494 9.04 -2.37 -13.58
N ARG A 495 8.84 -2.04 -14.85
CA ARG A 495 7.87 -1.04 -15.26
C ARG A 495 7.20 -1.45 -16.55
N ILE A 496 5.99 -0.95 -16.79
CA ILE A 496 5.34 -1.15 -18.08
C ILE A 496 6.06 -0.28 -19.11
N ALA A 497 6.48 -0.89 -20.20
CA ALA A 497 7.13 -0.17 -21.29
C ALA A 497 6.10 0.26 -22.33
N CYS A 498 5.49 1.41 -22.10
CA CYS A 498 4.46 1.93 -23.01
C CYS A 498 5.06 2.27 -24.36
N GLN A 499 6.20 2.95 -24.35
CA GLN A 499 6.91 3.31 -25.57
C GLN A 499 7.66 2.11 -26.14
P PO4 B . -1.26 -10.59 10.48
O1 PO4 B . -1.98 -9.43 11.12
O2 PO4 B . -1.20 -11.74 11.44
O3 PO4 B . -2.00 -11.02 9.23
O4 PO4 B . 0.13 -10.16 10.10
PB GDP C . 0.50 -9.02 13.66
O1B GDP C . -0.45 -7.97 13.15
O2B GDP C . 1.82 -8.89 12.93
O3B GDP C . -0.07 -10.39 13.45
O3A GDP C . 0.77 -8.78 15.22
PA GDP C . -0.42 -8.67 16.28
O1A GDP C . -1.72 -9.22 15.73
O2A GDP C . -0.59 -7.25 16.75
O5' GDP C . 0.16 -9.57 17.48
C5' GDP C . -0.08 -10.96 17.54
C4' GDP C . 0.27 -11.42 18.95
O4' GDP C . 1.55 -10.93 19.32
C3' GDP C . -0.74 -10.89 19.94
O3' GDP C . -1.39 -11.97 20.60
C2' GDP C . 0.04 -10.02 20.92
O2' GDP C . -0.28 -10.36 22.28
C1' GDP C . 1.50 -10.32 20.61
N9 GDP C . 2.29 -9.08 20.65
C8 GDP C . 2.23 -8.06 19.77
N7 GDP C . 3.12 -7.09 20.10
C5 GDP C . 3.78 -7.50 21.20
C6 GDP C . 4.84 -6.97 22.07
O6 GDP C . 5.37 -5.86 21.85
N1 GDP C . 5.24 -7.71 23.12
C2 GDP C . 4.69 -8.91 23.39
N2 GDP C . 5.14 -9.62 24.46
N3 GDP C . 3.71 -9.46 22.64
C4 GDP C . 3.23 -8.81 21.55
H4' GDP C . 0.26 -12.52 18.99
H3' GDP C . -1.48 -10.26 19.41
HO3' GDP C . -2.06 -11.63 21.20
H2' GDP C . -0.17 -8.96 20.72
HO2' GDP C . -1.22 -10.21 22.44
H1' GDP C . 1.88 -11.03 21.37
H8 GDP C . 1.56 -8.02 18.92
HN1 GDP C . 5.99 -7.35 23.74
HN21 GDP C . 4.73 -10.52 24.68
HN22 GDP C . 5.87 -9.23 25.05
MG MG D . -2.06 -7.59 11.87
#